data_2OLX
# 
_entry.id   2OLX 
# 
_audit_conform.dict_name       mmcif_pdbx.dic 
_audit_conform.dict_version    5.389 
_audit_conform.dict_location   http://mmcif.pdb.org/dictionaries/ascii/mmcif_pdbx.dic 
# 
loop_
_database_2.database_id 
_database_2.database_code 
_database_2.pdbx_database_accession 
_database_2.pdbx_DOI 
PDB   2OLX         pdb_00002olx 10.2210/pdb2olx/pdb 
RCSB  RCSB041299   ?            ?                   
WWPDB D_1000041299 ?            ?                   
# 
loop_
_pdbx_audit_revision_history.ordinal 
_pdbx_audit_revision_history.data_content_type 
_pdbx_audit_revision_history.major_revision 
_pdbx_audit_revision_history.minor_revision 
_pdbx_audit_revision_history.revision_date 
1 'Structure model' 1 0 2007-01-30 
2 'Structure model' 1 1 2008-05-01 
3 'Structure model' 1 2 2011-07-13 
4 'Structure model' 1 3 2017-10-18 
5 'Structure model' 1 4 2023-12-27 
6 'Structure model' 1 5 2024-04-03 
# 
_pdbx_audit_revision_details.ordinal             1 
_pdbx_audit_revision_details.revision_ordinal    1 
_pdbx_audit_revision_details.data_content_type   'Structure model' 
_pdbx_audit_revision_details.provider            repository 
_pdbx_audit_revision_details.type                'Initial release' 
_pdbx_audit_revision_details.description         ? 
_pdbx_audit_revision_details.details             ? 
# 
loop_
_pdbx_audit_revision_group.ordinal 
_pdbx_audit_revision_group.revision_ordinal 
_pdbx_audit_revision_group.data_content_type 
_pdbx_audit_revision_group.group 
1 2 'Structure model' 'Version format compliance' 
2 3 'Structure model' 'Version format compliance' 
3 4 'Structure model' 'Refinement description'    
4 5 'Structure model' 'Data collection'           
5 5 'Structure model' 'Database references'       
6 6 'Structure model' 'Refinement description'    
# 
loop_
_pdbx_audit_revision_category.ordinal 
_pdbx_audit_revision_category.revision_ordinal 
_pdbx_audit_revision_category.data_content_type 
_pdbx_audit_revision_category.category 
1 4 'Structure model' software                      
2 5 'Structure model' chem_comp_atom                
3 5 'Structure model' chem_comp_bond                
4 5 'Structure model' database_2                    
5 6 'Structure model' pdbx_initial_refinement_model 
# 
loop_
_pdbx_audit_revision_item.ordinal 
_pdbx_audit_revision_item.revision_ordinal 
_pdbx_audit_revision_item.data_content_type 
_pdbx_audit_revision_item.item 
1 5 'Structure model' '_database_2.pdbx_DOI'                
2 5 'Structure model' '_database_2.pdbx_database_accession' 
# 
_pdbx_database_status.entry_id                        2OLX 
_pdbx_database_status.deposit_site                    RCSB 
_pdbx_database_status.process_site                    RCSB 
_pdbx_database_status.recvd_initial_deposition_date   2007-01-19 
_pdbx_database_status.status_code                     REL 
_pdbx_database_status.status_code_sf                  REL 
_pdbx_database_status.status_code_mr                  ? 
_pdbx_database_status.SG_entry                        ? 
_pdbx_database_status.pdb_format_compatible           Y 
_pdbx_database_status.status_code_cs                  ? 
_pdbx_database_status.methods_development_category    ? 
_pdbx_database_status.status_code_nmr_data            ? 
# 
loop_
_pdbx_database_related.db_name 
_pdbx_database_related.db_id 
_pdbx_database_related.details 
_pdbx_database_related.content_type 
PDB 1yjp . unspecified 
PDB 1yjo . unspecified 
PDB 2OKZ . unspecified 
PDB 2OL9 . unspecified 
# 
loop_
_audit_author.name 
_audit_author.pdbx_ordinal 
'Nelson, R.'    1 
'Sawaya, M.R.'  2 
'Eisenberg, D.' 3 
# 
_citation.id                        primary 
_citation.title                     'Atomic structures of amyloid cross-beta spines reveal varied steric zippers.' 
_citation.journal_abbrev            Nature 
_citation.journal_volume            447 
_citation.page_first                453 
_citation.page_last                 457 
_citation.year                      2007 
_citation.journal_id_ASTM           NATUAS 
_citation.country                   UK 
_citation.journal_id_ISSN           0028-0836 
_citation.journal_id_CSD            0006 
_citation.book_publisher            ? 
_citation.pdbx_database_id_PubMed   17468747 
_citation.pdbx_database_id_DOI      10.1038/nature05695 
# 
loop_
_citation_author.citation_id 
_citation_author.name 
_citation_author.ordinal 
_citation_author.identifier_ORCID 
primary 'Sawaya, M.R.'    1  ? 
primary 'Sambashivan, S.' 2  ? 
primary 'Nelson, R.'      3  ? 
primary 'Ivanova, M.I.'   4  ? 
primary 'Sievers, S.A.'   5  ? 
primary 'Apostol, M.I.'   6  ? 
primary 'Thompson, M.J.'  7  ? 
primary 'Balbirnie, M.'   8  ? 
primary 'Wiltzius, J.J.'  9  ? 
primary 'McFarlane, H.T.' 10 ? 
primary 'Madsen, A.O.'    11 ? 
primary 'Riekel, C.'      12 ? 
primary 'Eisenberg, D.'   13 ? 
# 
_entity.id                         1 
_entity.type                       polymer 
_entity.src_method                 syn 
_entity.pdbx_description           'NNQQ peptide derived from Yeast Prion Sup35' 
_entity.formula_weight             502.478 
_entity.pdbx_number_of_molecules   1 
_entity.pdbx_ec                    ? 
_entity.pdbx_mutation              ? 
_entity.pdbx_fragment              'residues 8-11' 
_entity.details                    ? 
# 
_entity_poly.entity_id                      1 
_entity_poly.type                           'polypeptide(L)' 
_entity_poly.nstd_linkage                   no 
_entity_poly.nstd_monomer                   no 
_entity_poly.pdbx_seq_one_letter_code       NNQQ 
_entity_poly.pdbx_seq_one_letter_code_can   NNQQ 
_entity_poly.pdbx_strand_id                 A 
_entity_poly.pdbx_target_identifier         ? 
# 
loop_
_entity_poly_seq.entity_id 
_entity_poly_seq.num 
_entity_poly_seq.mon_id 
_entity_poly_seq.hetero 
1 1 ASN n 
1 2 ASN n 
1 3 GLN n 
1 4 GLN n 
# 
loop_
_chem_comp.id 
_chem_comp.type 
_chem_comp.mon_nstd_flag 
_chem_comp.name 
_chem_comp.pdbx_synonyms 
_chem_comp.formula 
_chem_comp.formula_weight 
ASN 'L-peptide linking' y ASPARAGINE ? 'C4 H8 N2 O3'  132.118 
GLN 'L-peptide linking' y GLUTAMINE  ? 'C5 H10 N2 O3' 146.144 
# 
loop_
_pdbx_poly_seq_scheme.asym_id 
_pdbx_poly_seq_scheme.entity_id 
_pdbx_poly_seq_scheme.seq_id 
_pdbx_poly_seq_scheme.mon_id 
_pdbx_poly_seq_scheme.ndb_seq_num 
_pdbx_poly_seq_scheme.pdb_seq_num 
_pdbx_poly_seq_scheme.auth_seq_num 
_pdbx_poly_seq_scheme.pdb_mon_id 
_pdbx_poly_seq_scheme.auth_mon_id 
_pdbx_poly_seq_scheme.pdb_strand_id 
_pdbx_poly_seq_scheme.pdb_ins_code 
_pdbx_poly_seq_scheme.hetero 
A 1 1 ASN 1 1 1 ASN ASN A . n 
A 1 2 ASN 2 2 2 ASN ASN A . n 
A 1 3 GLN 3 3 3 GLN GLN A . n 
A 1 4 GLN 4 4 4 GLN GLN A . n 
# 
loop_
_software.name 
_software.version 
_software.date 
_software.type 
_software.contact_author 
_software.contact_author_email 
_software.classification 
_software.location 
_software.language 
_software.citation_id 
_software.pdbx_ordinal 
DENZO       .     ?                package 'Zbyszek Otwinowski' zbyszek@mix.swmed.edu       'data reduction'  
http://www.lnls.br/infra/linhasluz/denzo-hkl.htm ?          ? 1 
SCALEPACK   .     ?                package 'Zbyszek Otwinowski' zbyszek@mix.swmed.edu       'data scaling'    
http://www.lnls.br/infra/linhasluz/denzo-hkl.htm ?          ? 2 
PHASER      .     ?                other   'R. J. Read'         cimr-phaser@lists.cam.ac.uk phasing           
http://www-structmed.cimr.cam.ac.uk/phaser/      ?          ? 3 
REFMAC      .     ?                program 'Murshudov, G.N.'    ccp4@dl.ac.uk               refinement        
http://www.ccp4.ac.uk/main.html                  Fortran_77 ? 4 
PDB_EXTRACT 2.000 'April. 3, 2006' package PDB                  sw-help@rcsb.rutgers.edu    'data extraction' 
http://pdb.rutgers.edu/software/                 C++        ? 5 
# 
_cell.length_a           15.479 
_cell.length_b           4.915 
_cell.length_c           30.552 
_cell.angle_alpha        90.000 
_cell.angle_beta         90.000 
_cell.angle_gamma        90.000 
_cell.entry_id           2OLX 
_cell.pdbx_unique_axis   ? 
_cell.Z_PDB              4 
_cell.length_a_esd       ? 
_cell.length_b_esd       ? 
_cell.length_c_esd       ? 
_cell.angle_alpha_esd    ? 
_cell.angle_beta_esd     ? 
_cell.angle_gamma_esd    ? 
# 
_symmetry.space_group_name_H-M             'P 21 21 21' 
_symmetry.entry_id                         2OLX 
_symmetry.Int_Tables_number                19 
_symmetry.pdbx_full_space_group_name_H-M   ? 
_symmetry.cell_setting                     ? 
_symmetry.space_group_name_Hall            ? 
# 
_exptl.crystals_number   1 
_exptl.entry_id          2OLX 
_exptl.method            'X-RAY DIFFRACTION' 
# 
_exptl_crystal.id                    1 
_exptl_crystal.density_Matthews      ? 
_exptl_crystal.density_meas          ? 
_exptl_crystal.density_percent_sol   ? 
_exptl_crystal.description           ? 
_exptl_crystal.F_000                 ? 
_exptl_crystal.preparation           ? 
# 
_exptl_crystal_grow.crystal_id      1 
_exptl_crystal_grow.method          'VAPOR DIFFUSION, HANGING DROP' 
_exptl_crystal_grow.pH              ? 
_exptl_crystal_grow.temp            298 
_exptl_crystal_grow.temp_details    ? 
_exptl_crystal_grow.pdbx_details    'VAPOR DIFFUSION, HANGING DROP, temperature 298K' 
_exptl_crystal_grow.pdbx_pH_range   . 
# 
_diffrn.id                     1 
_diffrn.ambient_temp           100 
_diffrn.ambient_temp_details   ? 
_diffrn.crystal_id             1 
# 
_diffrn_detector.diffrn_id              1 
_diffrn_detector.detector               CCD 
_diffrn_detector.type                   'MAR CCD 165 mm' 
_diffrn_detector.pdbx_collection_date   2005-12-19 
_diffrn_detector.details                ? 
# 
_diffrn_radiation.diffrn_id                        1 
_diffrn_radiation.wavelength_id                    1 
_diffrn_radiation.pdbx_diffrn_protocol             'SINGLE WAVELENGTH' 
_diffrn_radiation.monochromator                    ? 
_diffrn_radiation.pdbx_monochromatic_or_laue_m_l   M 
_diffrn_radiation.pdbx_scattering_type             x-ray 
# 
_diffrn_radiation_wavelength.id           1 
_diffrn_radiation_wavelength.wavelength   0.94660 
_diffrn_radiation_wavelength.wt           1.0 
# 
_diffrn_source.diffrn_id                   1 
_diffrn_source.source                      SYNCHROTRON 
_diffrn_source.type                        'ESRF BEAMLINE ID13' 
_diffrn_source.pdbx_wavelength             0.94660 
_diffrn_source.pdbx_wavelength_list        ? 
_diffrn_source.pdbx_synchrotron_site       ESRF 
_diffrn_source.pdbx_synchrotron_beamline   ID13 
# 
_reflns.entry_id                     2OLX 
_reflns.d_resolution_high            1.400 
_reflns.d_resolution_low             90.000 
_reflns.number_obs                   426 
_reflns.pdbx_Rmerge_I_obs            0.124 
_reflns.pdbx_netI_over_sigmaI        8.700 
_reflns.pdbx_chi_squared             1.072 
_reflns.pdbx_redundancy              3.100 
_reflns.percent_possible_obs         74.900 
_reflns.observed_criterion_sigma_F   ? 
_reflns.observed_criterion_sigma_I   -3 
_reflns.number_all                   426 
_reflns.pdbx_Rsym_value              ? 
_reflns.B_iso_Wilson_estimate        18.8 
_reflns.R_free_details               ? 
_reflns.limit_h_max                  ? 
_reflns.limit_h_min                  ? 
_reflns.limit_k_max                  ? 
_reflns.limit_k_min                  ? 
_reflns.limit_l_max                  ? 
_reflns.limit_l_min                  ? 
_reflns.observed_criterion_F_max     ? 
_reflns.observed_criterion_F_min     ? 
_reflns.pdbx_scaling_rejects         ? 
_reflns.pdbx_diffrn_id               1 
_reflns.pdbx_ordinal                 1 
# 
loop_
_reflns_shell.d_res_high 
_reflns_shell.d_res_low 
_reflns_shell.number_measured_obs 
_reflns_shell.number_measured_all 
_reflns_shell.number_unique_obs 
_reflns_shell.Rmerge_I_obs 
_reflns_shell.meanI_over_sigI_obs 
_reflns_shell.pdbx_Rsym_value 
_reflns_shell.pdbx_chi_squared 
_reflns_shell.pdbx_redundancy 
_reflns_shell.percent_possible_obs 
_reflns_shell.number_unique_all 
_reflns_shell.percent_possible_all 
_reflns_shell.pdbx_diffrn_id 
_reflns_shell.pdbx_ordinal 
1.40 1.45  ? ? ? 0.209 ? ? 0.900 2.80 ? 25 54.30 ? 1  
1.45 1.51  ? ? ? 0.199 ? ? 1.095 2.60 ? 34 59.60 ? 2  
1.51 1.58  ? ? ? 0.144 ? ? 1.140 2.60 ? 27 46.60 ? 3  
1.58 1.66  ? ? ? 0.139 ? ? 1.078 2.70 ? 27 44.30 ? 4  
1.66 1.76  ? ? ? 0.121 ? ? 1.146 2.60 ? 31 66.00 ? 5  
1.76 1.90  ? ? ? 0.139 ? ? 0.999 3.20 ? 46 95.80 ? 6  
1.90 2.09  ? ? ? 0.153 ? ? 1.102 3.10 ? 51 94.40 ? 7  
2.09 2.39  ? ? ? 0.148 ? ? 0.989 3.30 ? 60 90.90 ? 8  
2.39 3.02  ? ? ? 0.124 ? ? 1.028 3.90 ? 52 91.20 ? 9  
3.02 90.00 ? ? ? 0.097 ? ? 1.212 3.00 ? 73 97.30 ? 10 
# 
_refine.entry_id                                 2OLX 
_refine.ls_d_res_high                            1.420 
_refine.ls_d_res_low                             15.280 
_refine.pdbx_ls_sigma_F                          0.00 
_refine.ls_percent_reflns_obs                    74.280 
_refine.ls_number_reflns_obs                     413 
_refine.pdbx_ls_cross_valid_method               THROUGHOUT 
_refine.pdbx_R_Free_selection_details            RANDOM 
_refine.details                                  'HYDROGENS HAVE BEEN ADDED IN THE RIDING POSITIONS' 
_refine.ls_R_factor_obs                          0.188 
_refine.ls_R_factor_R_work                       0.183 
_refine.ls_R_factor_R_free                       0.235 
_refine.ls_percent_reflns_R_free                 9.400 
_refine.ls_number_reflns_R_free                  39 
_refine.B_iso_mean                               8.984 
_refine.aniso_B[1][1]                            -1.110 
_refine.aniso_B[2][2]                            -0.850 
_refine.aniso_B[3][3]                            1.950 
_refine.aniso_B[1][2]                            0.000 
_refine.aniso_B[1][3]                            0.000 
_refine.aniso_B[2][3]                            0.000 
_refine.correlation_coeff_Fo_to_Fc               0.961 
_refine.correlation_coeff_Fo_to_Fc_free          0.971 
_refine.pdbx_overall_ESU_R                       0.229 
_refine.pdbx_overall_ESU_R_Free                  0.117 
_refine.overall_SU_ML                            0.033 
_refine.overall_SU_B                             1.750 
_refine.solvent_model_details                    MASK 
_refine.pdbx_solvent_vdw_probe_radii             1.400 
_refine.pdbx_solvent_ion_probe_radii             0.800 
_refine.pdbx_solvent_shrinkage_radii             0.800 
_refine.pdbx_stereochemistry_target_values       'MAXIMUM LIKELIHOOD' 
_refine.pdbx_ls_sigma_I                          ? 
_refine.ls_number_reflns_all                     426 
_refine.ls_R_factor_all                          ? 
_refine.ls_redundancy_reflns_obs                 ? 
_refine.pdbx_data_cutoff_high_absF               ? 
_refine.pdbx_data_cutoff_low_absF                ? 
_refine.ls_number_parameters                     ? 
_refine.ls_number_restraints                     ? 
_refine.ls_R_factor_R_free_error                 ? 
_refine.ls_R_factor_R_free_error_details         ? 
_refine.pdbx_method_to_determine_struct          'MOLECULAR REPLACEMENT' 
_refine.pdbx_starting_model                      'polyalanine ideal beta-strand' 
_refine.pdbx_stereochem_target_val_spec_case     ? 
_refine.solvent_model_param_bsol                 ? 
_refine.solvent_model_param_ksol                 ? 
_refine.occupancy_max                            ? 
_refine.occupancy_min                            ? 
_refine.pdbx_isotropic_thermal_model             ? 
_refine.B_iso_min                                ? 
_refine.B_iso_max                                ? 
_refine.overall_SU_R_Cruickshank_DPI             ? 
_refine.overall_SU_R_free                        ? 
_refine.pdbx_data_cutoff_high_rms_absF           ? 
_refine.ls_wR_factor_R_free                      ? 
_refine.ls_wR_factor_R_work                      ? 
_refine.overall_FOM_free_R_set                   ? 
_refine.overall_FOM_work_R_set                   ? 
_refine.pdbx_refine_id                           'X-RAY DIFFRACTION' 
_refine.pdbx_diffrn_id                           1 
_refine.pdbx_TLS_residual_ADP_flag               ? 
_refine.pdbx_overall_phase_error                 ? 
_refine.pdbx_overall_SU_R_free_Cruickshank_DPI   ? 
_refine.pdbx_overall_SU_R_Blow_DPI               ? 
_refine.pdbx_overall_SU_R_free_Blow_DPI          ? 
# 
_refine_hist.pdbx_refine_id                   'X-RAY DIFFRACTION' 
_refine_hist.cycle_id                         LAST 
_refine_hist.pdbx_number_atoms_protein        35 
_refine_hist.pdbx_number_atoms_nucleic_acid   0 
_refine_hist.pdbx_number_atoms_ligand         0 
_refine_hist.number_atoms_solvent             0 
_refine_hist.number_atoms_total               35 
_refine_hist.d_res_high                       1.420 
_refine_hist.d_res_low                        15.280 
# 
loop_
_refine_ls_restr.type 
_refine_ls_restr.number 
_refine_ls_restr.dev_ideal 
_refine_ls_restr.dev_ideal_target 
_refine_ls_restr.weight 
_refine_ls_restr.pdbx_refine_id 
_refine_ls_restr.pdbx_restraint_function 
r_bond_refined_d         34 0.008  0.021  ? 'X-RAY DIFFRACTION' ? 
r_bond_other_d           19 0.001  0.020  ? 'X-RAY DIFFRACTION' ? 
r_angle_refined_deg      45 1.397  1.851  ? 'X-RAY DIFFRACTION' ? 
r_angle_other_deg        48 0.615  3.000  ? 'X-RAY DIFFRACTION' ? 
r_dihedral_angle_1_deg   3  4.135  5.000  ? 'X-RAY DIFFRACTION' ? 
r_dihedral_angle_2_deg   4  40.192 30.000 ? 'X-RAY DIFFRACTION' ? 
r_dihedral_angle_3_deg   6  10.806 15.000 ? 'X-RAY DIFFRACTION' ? 
r_chiral_restr           4  0.166  0.200  ? 'X-RAY DIFFRACTION' ? 
r_gen_planes_refined     41 0.005  0.020  ? 'X-RAY DIFFRACTION' ? 
r_gen_planes_other       3  0.000  0.020  ? 'X-RAY DIFFRACTION' ? 
r_nbd_other              13 0.180  0.200  ? 'X-RAY DIFFRACTION' ? 
r_nbtor_refined          13 0.133  0.200  ? 'X-RAY DIFFRACTION' ? 
r_nbtor_other            16 0.079  0.200  ? 'X-RAY DIFFRACTION' ? 
r_symmetry_vdw_other     10 0.137  0.200  ? 'X-RAY DIFFRACTION' ? 
r_symmetry_hbond_refined 1  0.108  0.200  ? 'X-RAY DIFFRACTION' ? 
r_mcbond_it              28 6.472  2.000  ? 'X-RAY DIFFRACTION' ? 
r_mcbond_other           7  3.013  2.000  ? 'X-RAY DIFFRACTION' ? 
r_mcangle_it             31 6.638  3.000  ? 'X-RAY DIFFRACTION' ? 
r_scbond_it              14 9.714  2.000  ? 'X-RAY DIFFRACTION' ? 
r_scangle_it             14 7.745  3.000  ? 'X-RAY DIFFRACTION' ? 
r_rigid_bond_restr       61 6.143  3.000  ? 'X-RAY DIFFRACTION' ? 
r_sphericity_bonded      54 6.513  3.000  ? 'X-RAY DIFFRACTION' ? 
# 
_refine_ls_shell.d_res_high                       1.420 
_refine_ls_shell.d_res_low                        1.456 
_refine_ls_shell.pdbx_total_number_of_bins_used   20 
_refine_ls_shell.percent_reflns_obs               45.950 
_refine_ls_shell.number_reflns_R_work             14 
_refine_ls_shell.R_factor_all                     ? 
_refine_ls_shell.R_factor_R_work                  0.237 
_refine_ls_shell.R_factor_R_free                  0.267 
_refine_ls_shell.percent_reflns_R_free            ? 
_refine_ls_shell.number_reflns_R_free             3 
_refine_ls_shell.R_factor_R_free_error            ? 
_refine_ls_shell.number_reflns_all                ? 
_refine_ls_shell.number_reflns_obs                17 
_refine_ls_shell.redundancy_reflns_obs            ? 
_refine_ls_shell.pdbx_refine_id                   'X-RAY DIFFRACTION' 
# 
_struct.entry_id                  2OLX 
_struct.title                     'Structure of NNQQ Peptide from Yeast Prion SUP35' 
_struct.pdbx_model_details        ? 
_struct.pdbx_CASP_flag            ? 
_struct.pdbx_model_type_details   ? 
# 
_struct_keywords.entry_id        2OLX 
_struct_keywords.pdbx_keywords   'PROTEIN FIBRIL' 
_struct_keywords.text            'steric zipper, glutamine zipper, polar zipper, asparagine zipper, PROTEIN FIBRIL' 
# 
_struct_asym.id                            A 
_struct_asym.pdbx_blank_PDB_chainid_flag   N 
_struct_asym.pdbx_modified                 N 
_struct_asym.entity_id                     1 
_struct_asym.details                       ? 
# 
_struct_ref.id                         1 
_struct_ref.entity_id                  1 
_struct_ref.db_name                    PDB 
_struct_ref.db_code                    2OLX 
_struct_ref.pdbx_db_accession          2OLX 
_struct_ref.pdbx_db_isoform            ? 
_struct_ref.pdbx_seq_one_letter_code   ? 
_struct_ref.pdbx_align_begin           ? 
# 
_struct_ref_seq.align_id                      1 
_struct_ref_seq.ref_id                        1 
_struct_ref_seq.pdbx_PDB_id_code              2OLX 
_struct_ref_seq.pdbx_strand_id                A 
_struct_ref_seq.seq_align_beg                 1 
_struct_ref_seq.pdbx_seq_align_beg_ins_code   ? 
_struct_ref_seq.seq_align_end                 4 
_struct_ref_seq.pdbx_seq_align_end_ins_code   ? 
_struct_ref_seq.pdbx_db_accession             2OLX 
_struct_ref_seq.db_align_beg                  1 
_struct_ref_seq.pdbx_db_align_beg_ins_code    ? 
_struct_ref_seq.db_align_end                  4 
_struct_ref_seq.pdbx_db_align_end_ins_code    ? 
_struct_ref_seq.pdbx_auth_seq_align_beg       1 
_struct_ref_seq.pdbx_auth_seq_align_end       4 
# 
_pdbx_struct_assembly.id                   1 
_pdbx_struct_assembly.details              author_defined_assembly 
_pdbx_struct_assembly.method_details       ? 
_pdbx_struct_assembly.oligomeric_details   trimeric 
_pdbx_struct_assembly.oligomeric_count     3 
# 
_pdbx_struct_assembly_gen.assembly_id       1 
_pdbx_struct_assembly_gen.oper_expression   1,2,3 
_pdbx_struct_assembly_gen.asym_id_list      A 
# 
loop_
_pdbx_struct_oper_list.id 
_pdbx_struct_oper_list.type 
_pdbx_struct_oper_list.name 
_pdbx_struct_oper_list.symmetry_operation 
_pdbx_struct_oper_list.matrix[1][1] 
_pdbx_struct_oper_list.matrix[1][2] 
_pdbx_struct_oper_list.matrix[1][3] 
_pdbx_struct_oper_list.vector[1] 
_pdbx_struct_oper_list.matrix[2][1] 
_pdbx_struct_oper_list.matrix[2][2] 
_pdbx_struct_oper_list.matrix[2][3] 
_pdbx_struct_oper_list.vector[2] 
_pdbx_struct_oper_list.matrix[3][1] 
_pdbx_struct_oper_list.matrix[3][2] 
_pdbx_struct_oper_list.matrix[3][3] 
_pdbx_struct_oper_list.vector[3] 
1 'identity operation'         1_555 x,y,z           1.0000000000  0.0000000000 0.0000000000  0.0000000000  0.0000000000 1.0000000000 0.0000000000  0.0000000000 0.0000000000  0.0000000000  1.0000000000  0.0000000000  
2 'crystal symmetry operation' 1_565 x,y+1,z         1.0000000000  0.0000000000 0.0000000000  0.2666184743  0.0000000000 1.0000000000 0.0000000000  4.8931752109 0.0000000000  0.0000000000  1.0000000000  -0.3781216005 
3 'crystal symmetry operation' 3_555 -x,y+1/2,-z+1/2 -0.9941147701 0.1080099978 -0.0083465054 -7.3411121371 0.1080099978 0.9822776535 -0.1531811077 2.8971908626 -0.0083465054 -0.1531811077 -0.9881628834 0.3717690084 
# 
_struct_biol.id                    1 
_struct_biol.details               
;One sheet of the steric zipper can be generated by repeated application of the crystallographic unit cell translation along the b axis. 
 
The second sheet of the steric zipper can be generated by application of the crystallographic operator  -X,1/2+Y,1/2-Z, and repeated unit cell translations of this strand along the b axis.
;
_struct_biol.pdbx_parent_biol_id   ? 
# 
loop_
_chem_comp_atom.comp_id 
_chem_comp_atom.atom_id 
_chem_comp_atom.type_symbol 
_chem_comp_atom.pdbx_aromatic_flag 
_chem_comp_atom.pdbx_stereo_config 
_chem_comp_atom.pdbx_ordinal 
ASN N    N N N 1  
ASN CA   C N S 2  
ASN C    C N N 3  
ASN O    O N N 4  
ASN CB   C N N 5  
ASN CG   C N N 6  
ASN OD1  O N N 7  
ASN ND2  N N N 8  
ASN OXT  O N N 9  
ASN H    H N N 10 
ASN H2   H N N 11 
ASN HA   H N N 12 
ASN HB2  H N N 13 
ASN HB3  H N N 14 
ASN HD21 H N N 15 
ASN HD22 H N N 16 
ASN HXT  H N N 17 
GLN N    N N N 18 
GLN CA   C N S 19 
GLN C    C N N 20 
GLN O    O N N 21 
GLN CB   C N N 22 
GLN CG   C N N 23 
GLN CD   C N N 24 
GLN OE1  O N N 25 
GLN NE2  N N N 26 
GLN OXT  O N N 27 
GLN H    H N N 28 
GLN H2   H N N 29 
GLN HA   H N N 30 
GLN HB2  H N N 31 
GLN HB3  H N N 32 
GLN HG2  H N N 33 
GLN HG3  H N N 34 
GLN HE21 H N N 35 
GLN HE22 H N N 36 
GLN HXT  H N N 37 
# 
loop_
_chem_comp_bond.comp_id 
_chem_comp_bond.atom_id_1 
_chem_comp_bond.atom_id_2 
_chem_comp_bond.value_order 
_chem_comp_bond.pdbx_aromatic_flag 
_chem_comp_bond.pdbx_stereo_config 
_chem_comp_bond.pdbx_ordinal 
ASN N   CA   sing N N 1  
ASN N   H    sing N N 2  
ASN N   H2   sing N N 3  
ASN CA  C    sing N N 4  
ASN CA  CB   sing N N 5  
ASN CA  HA   sing N N 6  
ASN C   O    doub N N 7  
ASN C   OXT  sing N N 8  
ASN CB  CG   sing N N 9  
ASN CB  HB2  sing N N 10 
ASN CB  HB3  sing N N 11 
ASN CG  OD1  doub N N 12 
ASN CG  ND2  sing N N 13 
ASN ND2 HD21 sing N N 14 
ASN ND2 HD22 sing N N 15 
ASN OXT HXT  sing N N 16 
GLN N   CA   sing N N 17 
GLN N   H    sing N N 18 
GLN N   H2   sing N N 19 
GLN CA  C    sing N N 20 
GLN CA  CB   sing N N 21 
GLN CA  HA   sing N N 22 
GLN C   O    doub N N 23 
GLN C   OXT  sing N N 24 
GLN CB  CG   sing N N 25 
GLN CB  HB2  sing N N 26 
GLN CB  HB3  sing N N 27 
GLN CG  CD   sing N N 28 
GLN CG  HG2  sing N N 29 
GLN CG  HG3  sing N N 30 
GLN CD  OE1  doub N N 31 
GLN CD  NE2  sing N N 32 
GLN NE2 HE21 sing N N 33 
GLN NE2 HE22 sing N N 34 
GLN OXT HXT  sing N N 35 
# 
_pdbx_initial_refinement_model.accession_code   ? 
_pdbx_initial_refinement_model.id               1 
_pdbx_initial_refinement_model.entity_id_list   ? 
_pdbx_initial_refinement_model.type             'in silico model' 
_pdbx_initial_refinement_model.source_name      Other 
_pdbx_initial_refinement_model.details          'polyalanine ideal beta-strand' 
# 
_atom_sites.entry_id                    2OLX 
_atom_sites.fract_transf_matrix[1][1]   0.06375513 
_atom_sites.fract_transf_matrix[1][2]   -0.00421193 
_atom_sites.fract_transf_matrix[1][3]   -0.00955090 
_atom_sites.fract_transf_matrix[2][1]   0.01103681 
_atom_sites.fract_transf_matrix[2][2]   0.20255555 
_atom_sites.fract_transf_matrix[2][3]   -0.01565254 
_atom_sites.fract_transf_matrix[3][1]   0.00498155 
_atom_sites.fract_transf_matrix[3][2]   0.00222249 
_atom_sites.fract_transf_matrix[3][3]   0.03227326 
_atom_sites.fract_transf_vector[1]      0.241894 
_atom_sites.fract_transf_vector[2]      0.284690 
_atom_sites.fract_transf_vector[3]      0.259066 
# 
loop_
_atom_type.symbol 
C 
N 
O 
# 
loop_
_atom_site.group_PDB 
_atom_site.id 
_atom_site.type_symbol 
_atom_site.label_atom_id 
_atom_site.label_alt_id 
_atom_site.label_comp_id 
_atom_site.label_asym_id 
_atom_site.label_entity_id 
_atom_site.label_seq_id 
_atom_site.pdbx_PDB_ins_code 
_atom_site.Cartn_x 
_atom_site.Cartn_y 
_atom_site.Cartn_z 
_atom_site.occupancy 
_atom_site.B_iso_or_equiv 
_atom_site.pdbx_formal_charge 
_atom_site.auth_seq_id 
_atom_site.auth_comp_id 
_atom_site.auth_asym_id 
_atom_site.auth_atom_id 
_atom_site.pdbx_PDB_model_num 
ATOM 1  N N   . ASN A 1 1 ? -1.276 -0.364 -6.104 1.00 11.67 ? 1 ASN A N   1 
ATOM 2  C CA  . ASN A 1 1 ? -0.279 -0.448 -5.002 1.00 10.39 ? 1 ASN A CA  1 
ATOM 3  C C   . ASN A 1 1 ? -0.835 0.232  -3.743 1.00 5.67  ? 1 ASN A C   1 
ATOM 4  O O   . ASN A 1 1 ? -1.010 1.447  -3.728 1.00 8.67  ? 1 ASN A O   1 
ATOM 5  C CB  . ASN A 1 1 ? 1.033  0.248  -5.417 1.00 11.66 ? 1 ASN A CB  1 
ATOM 6  C CG  . ASN A 1 1 ? 1.906  -0.572 -6.377 1.00 25.39 ? 1 ASN A CG  1 
ATOM 7  O OD1 . ASN A 1 1 ? 1.893  -1.793 -6.372 1.00 10.94 ? 1 ASN A OD1 1 
ATOM 8  N ND2 . ASN A 1 1 ? 2.726  0.131  -7.169 1.00 15.31 ? 1 ASN A ND2 1 
ATOM 9  N N   . ASN A 1 2 ? -1.135 -0.567 -2.721 1.00 9.62  ? 2 ASN A N   1 
ATOM 10 C CA  . ASN A 1 2 ? -1.551 -0.070 -1.401 1.00 6.92  ? 2 ASN A CA  1 
ATOM 11 C C   . ASN A 1 2 ? -0.523 -0.589 -0.401 1.00 8.06  ? 2 ASN A C   1 
ATOM 12 O O   . ASN A 1 2 ? -0.312 -1.783 -0.317 1.00 8.46  ? 2 ASN A O   1 
ATOM 13 C CB  . ASN A 1 2 ? -2.913 -0.639 -0.973 1.00 5.26  ? 2 ASN A CB  1 
ATOM 14 C CG  . ASN A 1 2 ? -4.104 0.041  -1.605 1.00 5.77  ? 2 ASN A CG  1 
ATOM 15 O OD1 . ASN A 1 2 ? -4.107 1.243  -1.879 1.00 9.71  ? 2 ASN A OD1 1 
ATOM 16 N ND2 . ASN A 1 2 ? -5.163 -0.732 -1.792 1.00 7.31  ? 2 ASN A ND2 1 
ATOM 17 N N   . GLN A 1 3 ? 0.075  0.309  0.377  1.00 9.80  ? 3 GLN A N   1 
ATOM 18 C CA  . GLN A 1 3 ? 1.126  -0.040 1.332  1.00 8.25  ? 3 GLN A CA  1 
ATOM 19 C C   . GLN A 1 3 ? 0.895  0.692  2.642  1.00 7.42  ? 3 GLN A C   1 
ATOM 20 O O   . GLN A 1 3 ? 0.711  1.904  2.656  1.00 7.60  ? 3 GLN A O   1 
ATOM 21 C CB  . GLN A 1 3 ? 2.489  0.330  0.744  1.00 8.03  ? 3 GLN A CB  1 
ATOM 22 C CG  . GLN A 1 3 ? 3.698  -0.050 1.599  1.00 11.30 ? 3 GLN A CG  1 
ATOM 23 C CD  . GLN A 1 3 ? 5.002  0.411  0.973  1.00 13.08 ? 3 GLN A CD  1 
ATOM 24 O OE1 . GLN A 1 3 ? 5.287  1.611  0.905  1.00 10.87 ? 3 GLN A OE1 1 
ATOM 25 N NE2 . GLN A 1 3 ? 5.802  -0.543 0.502  1.00 8.58  ? 3 GLN A NE2 1 
ATOM 26 N N   . GLN A 1 4 ? 0.883  -0.050 3.746  1.00 10.51 ? 4 GLN A N   1 
ATOM 27 C CA  . GLN A 1 4 ? 0.704  0.558  5.071  1.00 13.23 ? 4 GLN A CA  1 
ATOM 28 C C   . GLN A 1 4 ? 1.437  -0.222 6.156  1.00 17.04 ? 4 GLN A C   1 
ATOM 29 O O   . GLN A 1 4 ? 1.978  -1.282 5.870  1.00 10.73 ? 4 GLN A O   1 
ATOM 30 C CB  . GLN A 1 4 ? -0.779 0.663  5.404  1.00 13.91 ? 4 GLN A CB  1 
ATOM 31 C CG  . GLN A 1 4 ? -1.465 -0.671 5.542  1.00 12.46 ? 4 GLN A CG  1 
ATOM 32 C CD  . GLN A 1 4 ? -2.956 -0.562 5.854  1.00 18.51 ? 4 GLN A CD  1 
ATOM 33 O OE1 . GLN A 1 4 ? -3.612 -1.579 6.067  1.00 15.35 ? 4 GLN A OE1 1 
ATOM 34 N NE2 . GLN A 1 4 ? -3.492 0.666  5.895  1.00 19.68 ? 4 GLN A NE2 1 
ATOM 35 O OXT . GLN A 1 4 ? 1.503  0.166  7.331  1.00 7.44  ? 4 GLN A OXT 1 
# 
loop_
_atom_site_anisotrop.id 
_atom_site_anisotrop.type_symbol 
_atom_site_anisotrop.pdbx_label_atom_id 
_atom_site_anisotrop.pdbx_label_alt_id 
_atom_site_anisotrop.pdbx_label_comp_id 
_atom_site_anisotrop.pdbx_label_asym_id 
_atom_site_anisotrop.pdbx_label_seq_id 
_atom_site_anisotrop.pdbx_PDB_ins_code 
_atom_site_anisotrop.U[1][1] 
_atom_site_anisotrop.U[2][2] 
_atom_site_anisotrop.U[3][3] 
_atom_site_anisotrop.U[1][2] 
_atom_site_anisotrop.U[1][3] 
_atom_site_anisotrop.U[2][3] 
_atom_site_anisotrop.pdbx_auth_seq_id 
_atom_site_anisotrop.pdbx_auth_comp_id 
_atom_site_anisotrop.pdbx_auth_asym_id 
_atom_site_anisotrop.pdbx_auth_atom_id 
1  N N   . ASN A 1 ? 0.1023 0.1953 0.1457 0.0348  -0.0318 -0.0136 1 ASN A N   
2  C CA  . ASN A 1 ? 0.1311 0.1273 0.1361 0.0633  0.0388  -0.0586 1 ASN A CA  
3  C C   . ASN A 1 ? 0.1222 0.0824 0.0106 -0.0091 0.0055  -0.0130 1 ASN A C   
4  O O   . ASN A 1 ? 0.1464 0.1175 0.0654 0.0105  0.0056  0.0215  1 ASN A O   
5  C CB  . ASN A 1 ? 0.1634 0.1275 0.1519 -0.0296 0.0211  -0.0403 1 ASN A CB  
6  C CG  . ASN A 1 ? 0.3128 0.2695 0.3821 -0.0474 0.0084  0.0633  1 ASN A CG  
7  O OD1 . ASN A 1 ? 0.1293 0.1658 0.1205 0.0129  0.0356  0.0040  1 ASN A OD1 
8  N ND2 . ASN A 1 ? 0.2215 0.0911 0.2690 0.0901  0.0709  -0.0092 1 ASN A ND2 
9  N N   . ASN A 2 ? 0.1113 0.1322 0.1218 -0.0004 -0.0393 -0.0170 2 ASN A N   
10 C CA  . ASN A 2 ? 0.1104 0.1316 0.0206 0.0422  -0.0099 0.0105  2 ASN A CA  
11 C C   . ASN A 2 ? 0.1035 0.1183 0.0844 0.0010  -0.0109 0.0002  2 ASN A C   
12 O O   . ASN A 2 ? 0.1527 0.0967 0.0716 0.0102  -0.0331 -0.0194 2 ASN A O   
13 C CB  . ASN A 2 ? 0.1090 0.0862 0.0046 0.0249  -0.0114 -0.0064 2 ASN A CB  
14 C CG  . ASN A 2 ? 0.1019 0.0927 0.0244 -0.0101 0.0052  -0.0362 2 ASN A CG  
15 O OD1 . ASN A 2 ? 0.1433 0.1337 0.0916 -0.0370 -0.0537 0.0125  2 ASN A OD1 
16 N ND2 . ASN A 2 ? 0.1326 0.1109 0.0342 -0.0034 -0.0037 0.0234  2 ASN A ND2 
17 N N   . GLN A 3 ? 0.1200 0.1350 0.1171 0.0078  -0.0155 -0.0448 3 GLN A N   
18 C CA  . GLN A 3 ? 0.1425 0.0996 0.0713 0.0481  0.0123  -0.0140 3 GLN A CA  
19 C C   . GLN A 3 ? 0.1327 0.0783 0.0706 0.0069  -0.0468 0.0094  3 GLN A C   
20 O O   . GLN A 3 ? 0.1129 0.1093 0.0663 0.0102  -0.0075 0.0114  3 GLN A O   
21 C CB  . GLN A 3 ? 0.0956 0.1247 0.0846 0.0472  -0.0156 -0.0650 3 GLN A CB  
22 C CG  . GLN A 3 ? 0.1415 0.1989 0.0890 -0.0020 0.0075  0.0245  3 GLN A CG  
23 C CD  . GLN A 3 ? 0.1793 0.1680 0.1494 -0.0255 -0.0120 -0.0078 3 GLN A CD  
24 O OE1 . GLN A 3 ? 0.1490 0.1588 0.1049 -0.0274 -0.0256 -0.0244 3 GLN A OE1 
25 N NE2 . GLN A 3 ? 0.1057 0.1224 0.0977 0.0292  -0.0157 -0.0146 3 GLN A NE2 
26 N N   . GLN A 4 ? 0.1501 0.1180 0.1310 0.0215  0.0284  0.0314  4 GLN A N   
27 C CA  . GLN A 4 ? 0.2160 0.1593 0.1274 -0.0134 0.0297  -0.0242 4 GLN A CA  
28 C C   . GLN A 4 ? 0.2164 0.2013 0.2296 -0.0323 0.0494  0.0314  4 GLN A C   
29 O O   . GLN A 4 ? 0.1533 0.1494 0.1050 0.0119  0.0068  -0.0041 4 GLN A O   
30 C CB  . GLN A 4 ? 0.1761 0.2020 0.1502 0.0000  0.0096  -0.0183 4 GLN A CB  
31 C CG  . GLN A 4 ? 0.0980 0.1936 0.1819 -0.0204 -0.0016 0.0291  4 GLN A CG  
32 C CD  . GLN A 4 ? 0.1406 0.1493 0.4131 0.0343  -0.0288 -0.0273 4 GLN A CD  
33 O OE1 . GLN A 4 ? 0.1501 0.2389 0.1939 0.0338  -0.0196 0.0028  4 GLN A OE1 
34 N NE2 . GLN A 4 ? 0.1984 0.2088 0.3403 -0.0323 0.0632  0.0214  4 GLN A NE2 
35 O OXT . GLN A 4 ? 0.0996 0.0954 0.0875 -0.0002 -0.0162 0.0004  4 GLN A OXT 
# 
